data_6BDB
#
_entry.id   6BDB
#
_cell.length_a   43.370
_cell.length_b   67.190
_cell.length_c   169.700
_cell.angle_alpha   90.00
_cell.angle_beta   90.00
_cell.angle_gamma   90.00
#
_symmetry.space_group_name_H-M   'P 21 21 21'
#
loop_
_entity.id
_entity.type
_entity.pdbx_description
1 polymer 'Ribosomal protein 3/homing endonuclease-like protein fusion'
2 polymer 'DNA (26-MER)'
3 polymer 'DNA (26-MER)'
4 water water
#
loop_
_entity_poly.entity_id
_entity_poly.type
_entity_poly.pdbx_seq_one_letter_code
_entity_poly.pdbx_strand_id
1 'polypeptide(L)'
;GPLGSAYMSREESINPWILTGFADAEGSFLLRIRNNNKSSVGYSTELGFQITLHNKDKSILENIQSTWKVGVIANSGDNA
VSLKVTRFEDLKVIIDHFEKYPLITQKLGDYMLFKQAFCVMENKEHLKINGIKELVRIKAKLNWGLTDELKKAFPEIISK
ERSLINKNIPNFKWLAGFTSGEGCFFVNLIKSKSKLGVQVQLVFSITQHIKDKNLMNSLITYLGCGYIKEYNKSEFSWLA
FVVTKFSDINDKIIPVFQENTLIGVKLEDFEDWCKVAKLIEEKKHLTESGLDEIKKIKLNMNKGRVF
;
A
2 'polydeoxyribonucleotide'
;(DC)(DT)(DT)(DT)(DC)(DC)(DA)(DC)(DT)(DT)(DA)(DT)(DT)(DC)(DG)(DA)(DC)(DC)(DT)(DT)
(DT)(DT)(DA)(DC)(DC)(DC)
;
B
3 'polydeoxyribonucleotide'
;(DG)(DG)(DT)(DA)(DA)(DA)(DA)(DG)(DG)(DT)(DC)(DG)(DA)(DA)(DT)(DA)(DA)(DG)(DT)(DG)
(DG)(DA)(DA)(DA)(DG)(DG)
;
C
#
# COMPACT_ATOMS: atom_id res chain seq x y z
N GLU A 11 -1.39 -3.67 22.05
CA GLU A 11 -1.87 -3.42 20.69
C GLU A 11 -2.51 -2.04 20.54
N GLU A 12 -2.16 -1.34 19.47
CA GLU A 12 -2.67 0.00 19.21
C GLU A 12 -3.65 0.02 18.04
N SER A 13 -4.61 0.93 18.11
CA SER A 13 -5.69 1.09 17.17
C SER A 13 -5.25 2.03 16.01
N ILE A 14 -5.57 1.73 14.77
CA ILE A 14 -5.13 2.56 13.68
C ILE A 14 -6.27 3.45 13.22
N ASN A 15 -5.98 4.74 13.08
CA ASN A 15 -6.93 5.71 12.54
C ASN A 15 -7.53 5.16 11.25
N PRO A 16 -8.87 5.25 11.09
CA PRO A 16 -9.49 4.53 9.97
C PRO A 16 -9.03 5.00 8.60
N TRP A 17 -8.73 6.29 8.47
CA TRP A 17 -8.24 6.78 7.19
C TRP A 17 -6.79 6.38 6.94
N ILE A 18 -6.00 6.25 8.00
CA ILE A 18 -4.65 5.73 7.83
C ILE A 18 -4.74 4.28 7.36
N LEU A 19 -5.67 3.53 7.94
CA LEU A 19 -5.88 2.14 7.55
C LEU A 19 -6.30 2.05 6.08
N THR A 20 -7.23 2.91 5.64
CA THR A 20 -7.62 2.89 4.23
C THR A 20 -6.44 3.25 3.33
N GLY A 21 -5.62 4.22 3.72
CA GLY A 21 -4.46 4.56 2.89
C GLY A 21 -3.51 3.37 2.75
N PHE A 22 -3.27 2.68 3.86
CA PHE A 22 -2.40 1.51 3.82
C PHE A 22 -3.02 0.39 2.98
N ALA A 23 -4.35 0.28 2.98
CA ALA A 23 -5.02 -0.73 2.15
C ALA A 23 -4.89 -0.38 0.67
N ASP A 24 -4.97 0.91 0.34
CA ASP A 24 -4.76 1.36 -1.03
C ASP A 24 -3.36 0.98 -1.46
N ALA A 25 -2.41 1.03 -0.53
CA ALA A 25 -1.05 0.63 -0.85
C ALA A 25 -0.87 -0.89 -1.01
N GLU A 26 -1.27 -1.58 0.03
CA GLU A 26 -0.95 -3.01 0.18
C GLU A 26 -2.06 -3.99 0.41
N GLY A 27 -3.26 -3.55 0.50
CA GLY A 27 -4.40 -4.44 0.70
C GLY A 27 -4.65 -5.24 -0.56
N SER A 28 -5.14 -6.46 -0.42
CA SER A 28 -5.33 -7.33 -1.57
C SER A 28 -6.61 -8.13 -1.40
N PHE A 29 -7.55 -7.94 -2.31
CA PHE A 29 -8.79 -8.69 -2.24
C PHE A 29 -8.62 -10.03 -2.93
N LEU A 30 -9.36 -11.03 -2.47
CA LEU A 30 -9.22 -12.37 -3.02
C LEU A 30 -10.55 -13.04 -3.27
N LEU A 31 -10.60 -13.78 -4.37
CA LEU A 31 -11.76 -14.60 -4.71
C LEU A 31 -11.25 -15.91 -5.30
N ARG A 32 -11.24 -16.94 -4.47
CA ARG A 32 -10.90 -18.29 -4.89
C ARG A 32 -12.13 -19.02 -5.40
N ILE A 33 -12.02 -19.54 -6.64
CA ILE A 33 -13.03 -20.42 -7.20
C ILE A 33 -12.33 -21.71 -7.60
N ARG A 34 -12.48 -22.73 -6.76
CA ARG A 34 -11.69 -23.94 -6.84
C ARG A 34 -12.48 -25.16 -7.32
N ASN A 35 -11.84 -25.96 -8.19
CA ASN A 35 -12.32 -27.29 -8.52
C ASN A 35 -12.43 -28.15 -7.26
N ASN A 36 -13.62 -28.68 -6.99
CA ASN A 36 -13.83 -29.48 -5.79
C ASN A 36 -14.83 -30.62 -5.99
N ASN A 37 -14.31 -31.85 -6.03
CA ASN A 37 -15.22 -32.99 -6.25
C ASN A 37 -16.22 -33.18 -5.12
N LYS A 38 -15.88 -32.83 -3.88
CA LYS A 38 -16.78 -32.99 -2.76
C LYS A 38 -17.82 -31.86 -2.69
N SER A 39 -17.90 -31.07 -3.74
CA SER A 39 -18.87 -29.98 -3.79
C SER A 39 -20.01 -30.30 -4.73
N SER A 40 -21.23 -29.99 -4.31
CA SER A 40 -22.43 -30.33 -5.07
C SER A 40 -22.49 -29.67 -6.44
N VAL A 41 -21.77 -28.57 -6.58
CA VAL A 41 -21.80 -27.79 -7.81
C VAL A 41 -20.48 -27.95 -8.57
N GLY A 42 -19.52 -28.64 -7.97
CA GLY A 42 -18.25 -28.90 -8.61
C GLY A 42 -17.20 -27.84 -8.31
N TYR A 43 -17.61 -26.76 -7.67
CA TYR A 43 -16.71 -25.69 -7.29
C TYR A 43 -16.95 -25.24 -5.86
N SER A 44 -15.88 -24.95 -5.12
CA SER A 44 -16.05 -24.26 -3.84
C SER A 44 -15.45 -22.86 -3.95
N THR A 45 -15.82 -21.97 -3.04
CA THR A 45 -15.33 -20.60 -3.08
C THR A 45 -14.74 -20.14 -1.76
N GLU A 46 -13.89 -19.12 -1.83
CA GLU A 46 -13.38 -18.46 -0.63
C GLU A 46 -13.20 -16.98 -0.95
N LEU A 47 -13.81 -16.10 -0.17
CA LEU A 47 -13.77 -14.66 -0.44
C LEU A 47 -13.03 -13.95 0.67
N GLY A 48 -12.19 -12.98 0.34
CA GLY A 48 -11.48 -12.33 1.42
C GLY A 48 -10.66 -11.09 1.13
N PHE A 49 -9.91 -10.68 2.15
CA PHE A 49 -9.02 -9.53 2.11
C PHE A 49 -7.74 -9.89 2.84
N GLN A 50 -6.59 -9.51 2.31
CA GLN A 50 -5.34 -9.87 2.95
C GLN A 50 -4.24 -8.84 2.74
N ILE A 51 -3.25 -8.92 3.62
CA ILE A 51 -2.03 -8.14 3.52
C ILE A 51 -0.85 -9.05 3.86
N THR A 52 0.14 -9.09 3.00
CA THR A 52 1.36 -9.85 3.26
C THR A 52 2.55 -8.90 3.28
N LEU A 53 3.36 -8.96 4.34
CA LEU A 53 4.54 -8.10 4.41
C LEU A 53 5.70 -8.76 5.15
N HIS A 54 6.85 -8.11 5.16
CA HIS A 54 8.05 -8.65 5.81
C HIS A 54 7.78 -8.82 7.31
N ASN A 55 8.33 -9.89 7.88
CA ASN A 55 8.27 -10.14 9.32
C ASN A 55 8.50 -8.91 10.18
N LYS A 56 9.38 -8.02 9.72
CA LYS A 56 9.76 -6.85 10.51
C LYS A 56 8.55 -5.95 10.79
N ASP A 57 7.49 -6.08 10.00
CA ASP A 57 6.30 -5.25 10.18
C ASP A 57 5.10 -6.06 10.62
N LYS A 58 5.35 -7.20 11.26
CA LYS A 58 4.25 -7.99 11.81
C LYS A 58 3.31 -7.17 12.72
N SER A 59 3.89 -6.23 13.45
N SER A 59 3.88 -6.23 13.46
CA SER A 59 3.12 -5.39 14.37
CA SER A 59 3.09 -5.41 14.38
C SER A 59 1.96 -4.71 13.64
C SER A 59 1.94 -4.72 13.64
N ILE A 60 2.21 -4.27 12.41
CA ILE A 60 1.14 -3.63 11.63
C ILE A 60 -0.07 -4.55 11.52
N LEU A 61 0.21 -5.80 11.14
CA LEU A 61 -0.86 -6.77 10.96
C LEU A 61 -1.61 -6.97 12.27
N GLU A 62 -0.84 -7.03 13.37
CA GLU A 62 -1.47 -7.27 14.67
C GLU A 62 -2.38 -6.08 14.98
N ASN A 63 -1.90 -4.89 14.64
CA ASN A 63 -2.66 -3.71 14.99
C ASN A 63 -3.90 -3.66 14.13
N ILE A 64 -3.80 -4.10 12.88
CA ILE A 64 -4.98 -4.04 12.04
C ILE A 64 -5.94 -5.06 12.61
N GLN A 65 -5.38 -6.19 13.05
CA GLN A 65 -6.22 -7.25 13.55
C GLN A 65 -6.93 -6.73 14.79
N SER A 66 -6.23 -5.89 15.55
CA SER A 66 -6.80 -5.38 16.80
C SER A 66 -7.87 -4.33 16.50
N THR A 67 -7.69 -3.61 15.39
CA THR A 67 -8.56 -2.49 15.04
C THR A 67 -9.91 -2.98 14.54
N TRP A 68 -9.88 -3.97 13.66
CA TRP A 68 -11.08 -4.50 13.04
C TRP A 68 -11.70 -5.64 13.84
N LYS A 69 -10.89 -6.24 14.71
CA LYS A 69 -11.27 -7.45 15.46
C LYS A 69 -11.60 -8.63 14.54
N VAL A 70 -10.89 -8.75 13.41
CA VAL A 70 -11.08 -9.86 12.49
C VAL A 70 -9.75 -10.28 11.88
N GLY A 71 -9.75 -11.46 11.26
CA GLY A 71 -8.59 -11.95 10.52
C GLY A 71 -7.66 -12.87 11.30
N VAL A 72 -6.91 -13.68 10.56
CA VAL A 72 -5.94 -14.59 11.13
C VAL A 72 -4.55 -14.29 10.60
N ILE A 73 -3.55 -14.45 11.46
CA ILE A 73 -2.17 -14.14 11.11
C ILE A 73 -1.37 -15.43 10.99
N ALA A 74 -0.61 -15.53 9.91
CA ALA A 74 0.18 -16.75 9.69
C ALA A 74 1.47 -16.39 8.99
N ASN A 75 2.51 -17.19 9.19
CA ASN A 75 3.74 -16.99 8.43
C ASN A 75 3.46 -17.14 6.95
N SER A 76 4.23 -16.42 6.15
CA SER A 76 4.17 -16.55 4.70
C SER A 76 5.58 -16.82 4.22
N GLY A 77 6.03 -18.07 4.36
CA GLY A 77 7.42 -18.40 4.16
C GLY A 77 8.27 -17.95 5.33
N ASP A 78 9.59 -17.95 5.16
CA ASP A 78 10.51 -17.68 6.27
C ASP A 78 10.74 -16.20 6.58
N ASN A 79 10.37 -15.33 5.65
CA ASN A 79 10.73 -13.92 5.76
C ASN A 79 9.53 -12.98 5.73
N ALA A 80 8.33 -13.52 5.68
CA ALA A 80 7.13 -12.72 5.60
C ALA A 80 5.99 -13.30 6.44
N VAL A 81 4.91 -12.53 6.54
CA VAL A 81 3.78 -12.86 7.39
C VAL A 81 2.53 -12.20 6.79
N SER A 82 1.39 -12.87 6.94
CA SER A 82 0.14 -12.37 6.38
C SER A 82 -0.95 -12.23 7.41
N LEU A 83 -1.83 -11.27 7.14
CA LEU A 83 -3.14 -11.16 7.76
C LEU A 83 -4.16 -11.50 6.69
N LYS A 84 -4.94 -12.55 6.93
CA LYS A 84 -5.97 -12.97 6.00
C LYS A 84 -7.34 -12.95 6.67
N VAL A 85 -8.33 -12.34 6.01
CA VAL A 85 -9.70 -12.32 6.50
C VAL A 85 -10.59 -12.98 5.45
N THR A 86 -11.09 -14.18 5.73
CA THR A 86 -11.98 -14.86 4.77
C THR A 86 -13.26 -15.41 5.42
N ARG A 87 -13.29 -15.49 6.75
CA ARG A 87 -14.51 -15.90 7.47
C ARG A 87 -15.65 -14.98 7.06
N PHE A 88 -16.72 -15.53 6.50
CA PHE A 88 -17.67 -14.73 5.74
C PHE A 88 -18.32 -13.59 6.52
N GLU A 89 -18.79 -13.86 7.73
CA GLU A 89 -19.44 -12.83 8.52
C GLU A 89 -18.48 -11.70 8.84
N ASP A 90 -17.19 -12.01 8.91
CA ASP A 90 -16.20 -10.99 9.25
C ASP A 90 -15.95 -10.04 8.08
N LEU A 91 -16.30 -10.46 6.86
CA LEU A 91 -16.15 -9.59 5.70
C LEU A 91 -17.09 -8.38 5.79
N LYS A 92 -18.15 -8.49 6.60
CA LYS A 92 -19.06 -7.37 6.84
C LYS A 92 -18.33 -6.21 7.50
N VAL A 93 -17.34 -6.52 8.34
CA VAL A 93 -16.56 -5.49 9.02
C VAL A 93 -15.77 -4.73 7.97
N ILE A 94 -15.22 -5.48 7.03
CA ILE A 94 -14.36 -4.90 6.00
C ILE A 94 -15.19 -4.01 5.07
N ILE A 95 -16.36 -4.50 4.67
CA ILE A 95 -17.26 -3.71 3.86
C ILE A 95 -17.72 -2.45 4.61
N ASP A 96 -18.09 -2.57 5.88
CA ASP A 96 -18.54 -1.40 6.61
C ASP A 96 -17.43 -0.34 6.66
N HIS A 97 -16.20 -0.83 6.87
CA HIS A 97 -15.06 0.08 6.89
C HIS A 97 -14.90 0.82 5.56
N PHE A 98 -14.83 0.09 4.45
CA PHE A 98 -14.54 0.77 3.18
C PHE A 98 -15.74 1.54 2.65
N GLU A 99 -16.93 1.24 3.15
CA GLU A 99 -18.08 2.06 2.79
C GLU A 99 -17.97 3.40 3.49
N LYS A 100 -17.45 3.42 4.72
CA LYS A 100 -17.26 4.72 5.40
C LYS A 100 -15.98 5.48 4.97
N TYR A 101 -14.91 4.74 4.70
CA TYR A 101 -13.62 5.35 4.38
C TYR A 101 -13.09 4.73 3.08
N PRO A 102 -13.63 5.15 1.94
CA PRO A 102 -13.37 4.41 0.69
C PRO A 102 -11.96 4.57 0.10
N LEU A 103 -11.51 3.51 -0.58
CA LEU A 103 -10.25 3.53 -1.34
C LEU A 103 -10.29 4.55 -2.45
N ILE A 104 -9.14 5.09 -2.81
CA ILE A 104 -9.12 6.08 -3.88
C ILE A 104 -8.22 5.74 -5.08
N THR A 105 -7.42 4.68 -4.97
CA THR A 105 -6.60 4.25 -6.12
C THR A 105 -7.42 3.33 -6.99
N GLN A 106 -6.80 2.81 -8.05
CA GLN A 106 -7.52 1.86 -8.91
C GLN A 106 -8.00 0.64 -8.14
N LYS A 107 -7.43 0.41 -6.94
CA LYS A 107 -7.84 -0.73 -6.12
C LYS A 107 -9.31 -0.61 -5.69
N LEU A 108 -9.86 0.60 -5.71
CA LEU A 108 -11.29 0.77 -5.50
C LEU A 108 -12.09 -0.19 -6.40
N GLY A 109 -11.68 -0.31 -7.66
CA GLY A 109 -12.33 -1.23 -8.58
C GLY A 109 -12.35 -2.66 -8.07
N ASP A 110 -11.20 -3.11 -7.54
CA ASP A 110 -11.15 -4.47 -7.00
C ASP A 110 -12.09 -4.57 -5.79
N TYR A 111 -12.15 -3.53 -4.98
CA TYR A 111 -13.02 -3.60 -3.83
C TYR A 111 -14.45 -3.78 -4.32
N MET A 112 -14.79 -3.08 -5.40
CA MET A 112 -16.17 -3.09 -5.86
C MET A 112 -16.50 -4.52 -6.25
N LEU A 113 -15.53 -5.19 -6.89
CA LEU A 113 -15.80 -6.53 -7.38
C LEU A 113 -15.98 -7.45 -6.18
N PHE A 114 -15.14 -7.21 -5.18
CA PHE A 114 -15.20 -8.00 -3.94
C PHE A 114 -16.61 -7.85 -3.35
N LYS A 115 -17.12 -6.61 -3.36
CA LYS A 115 -18.40 -6.36 -2.73
C LYS A 115 -19.45 -7.16 -3.52
N GLN A 116 -19.31 -7.15 -4.84
CA GLN A 116 -20.28 -7.87 -5.66
C GLN A 116 -20.26 -9.33 -5.27
N ALA A 117 -19.06 -9.89 -5.15
CA ALA A 117 -18.93 -11.31 -4.84
C ALA A 117 -19.63 -11.55 -3.51
N PHE A 118 -19.43 -10.62 -2.58
CA PHE A 118 -20.00 -10.80 -1.25
C PHE A 118 -21.50 -11.00 -1.36
N CYS A 119 -22.14 -10.12 -2.13
CA CYS A 119 -23.59 -10.18 -2.23
CA CYS A 119 -23.59 -10.17 -2.26
C CYS A 119 -24.02 -11.53 -2.79
N VAL A 120 -23.29 -12.02 -3.79
CA VAL A 120 -23.64 -13.30 -4.40
C VAL A 120 -23.59 -14.39 -3.35
N MET A 121 -22.56 -14.36 -2.50
CA MET A 121 -22.38 -15.42 -1.54
C MET A 121 -23.31 -15.19 -0.36
N GLU A 122 -23.82 -13.98 -0.23
CA GLU A 122 -24.66 -13.67 0.92
C GLU A 122 -26.02 -14.32 0.75
N ASN A 123 -26.47 -14.41 -0.49
CA ASN A 123 -27.70 -15.03 -0.95
C ASN A 123 -27.53 -16.53 -1.11
N LYS A 124 -26.34 -17.03 -0.79
CA LYS A 124 -25.99 -18.44 -0.95
C LYS A 124 -26.07 -18.93 -2.39
N GLU A 125 -26.05 -17.98 -3.33
CA GLU A 125 -26.20 -18.32 -4.75
C GLU A 125 -24.99 -19.08 -5.29
N HIS A 126 -23.88 -19.04 -4.56
CA HIS A 126 -22.67 -19.74 -4.99
C HIS A 126 -22.79 -21.25 -4.82
N LEU A 127 -23.96 -21.70 -4.34
CA LEU A 127 -24.20 -23.12 -4.16
C LEU A 127 -24.83 -23.76 -5.39
N LYS A 128 -25.30 -22.93 -6.31
CA LYS A 128 -25.80 -23.43 -7.59
C LYS A 128 -24.85 -22.98 -8.70
N ILE A 129 -25.00 -23.52 -9.91
CA ILE A 129 -24.03 -23.30 -10.98
C ILE A 129 -24.10 -21.88 -11.54
N ASN A 130 -25.30 -21.30 -11.50
CA ASN A 130 -25.55 -19.93 -11.93
C ASN A 130 -24.71 -18.89 -11.19
N GLY A 131 -24.69 -19.00 -9.86
CA GLY A 131 -23.89 -18.14 -9.00
C GLY A 131 -22.41 -18.38 -9.16
N ILE A 132 -22.01 -19.62 -9.43
CA ILE A 132 -20.60 -19.90 -9.71
C ILE A 132 -20.21 -19.15 -10.97
N LYS A 133 -21.07 -19.20 -11.98
CA LYS A 133 -20.86 -18.45 -13.21
C LYS A 133 -20.73 -16.96 -12.94
N GLU A 134 -21.63 -16.43 -12.11
CA GLU A 134 -21.58 -15.00 -11.77
C GLU A 134 -20.29 -14.60 -11.06
N LEU A 135 -19.85 -15.45 -10.14
CA LEU A 135 -18.59 -15.25 -9.43
C LEU A 135 -17.42 -15.33 -10.39
N VAL A 136 -17.54 -16.14 -11.43
CA VAL A 136 -16.46 -16.24 -12.41
C VAL A 136 -16.40 -14.95 -13.24
N ARG A 137 -17.56 -14.40 -13.55
CA ARG A 137 -17.64 -13.17 -14.31
C ARG A 137 -17.02 -12.02 -13.50
N ILE A 138 -17.35 -11.99 -12.21
CA ILE A 138 -16.78 -10.99 -11.31
C ILE A 138 -15.26 -11.15 -11.21
N LYS A 139 -14.81 -12.38 -10.94
CA LYS A 139 -13.39 -12.68 -10.83
C LYS A 139 -12.59 -12.32 -12.08
N ALA A 140 -13.24 -12.43 -13.25
CA ALA A 140 -12.54 -12.16 -14.51
C ALA A 140 -11.95 -10.74 -14.54
N LYS A 141 -12.58 -9.83 -13.81
CA LYS A 141 -12.15 -8.43 -13.79
C LYS A 141 -11.33 -8.09 -12.53
N LEU A 142 -11.22 -9.05 -11.62
CA LEU A 142 -10.56 -8.86 -10.33
C LEU A 142 -9.08 -9.21 -10.34
N ASN A 143 -8.23 -8.26 -9.98
CA ASN A 143 -6.79 -8.48 -9.90
C ASN A 143 -6.30 -9.11 -11.22
N TRP A 144 -5.70 -10.30 -11.17
CA TRP A 144 -5.17 -10.91 -12.42
C TRP A 144 -6.21 -11.60 -13.28
N GLY A 145 -7.45 -11.69 -12.81
CA GLY A 145 -8.52 -12.30 -13.59
C GLY A 145 -8.54 -13.82 -13.50
N LEU A 146 -9.14 -14.46 -14.51
CA LEU A 146 -9.31 -15.91 -14.50
C LEU A 146 -7.99 -16.68 -14.64
N THR A 147 -7.90 -17.79 -13.93
CA THR A 147 -6.79 -18.73 -14.07
C THR A 147 -6.97 -19.53 -15.37
N ASP A 148 -5.93 -20.28 -15.75
CA ASP A 148 -5.99 -21.08 -16.97
C ASP A 148 -7.10 -22.13 -16.89
N GLU A 149 -7.21 -22.80 -15.76
CA GLU A 149 -8.25 -23.81 -15.54
C GLU A 149 -9.65 -23.19 -15.68
N LEU A 150 -9.86 -22.07 -15.01
CA LEU A 150 -11.13 -21.35 -15.11
C LEU A 150 -11.31 -20.84 -16.53
N LYS A 151 -10.20 -20.49 -17.17
CA LYS A 151 -10.19 -20.10 -18.57
C LYS A 151 -10.11 -21.34 -19.46
N LYS A 152 -11.07 -22.23 -19.26
CA LYS A 152 -11.21 -23.46 -20.04
C LYS A 152 -12.59 -23.99 -19.72
N ALA A 153 -12.99 -23.85 -18.46
CA ALA A 153 -14.30 -24.28 -18.01
C ALA A 153 -15.39 -23.25 -18.35
N PHE A 154 -14.99 -21.99 -18.50
CA PHE A 154 -15.96 -20.96 -18.81
C PHE A 154 -15.53 -20.05 -19.97
N PRO A 155 -15.36 -20.62 -21.18
CA PRO A 155 -14.88 -19.82 -22.32
C PRO A 155 -15.80 -18.66 -22.70
N GLU A 156 -17.07 -18.72 -22.36
CA GLU A 156 -18.01 -17.66 -22.69
C GLU A 156 -17.70 -16.36 -21.94
N ILE A 157 -16.96 -16.47 -20.83
CA ILE A 157 -16.60 -15.31 -20.01
C ILE A 157 -15.29 -14.64 -20.35
N ILE A 158 -15.40 -13.50 -21.04
CA ILE A 158 -14.18 -12.74 -21.45
C ILE A 158 -14.39 -11.23 -21.33
N SER A 159 -15.58 -10.71 -21.02
CA SER A 159 -15.65 -9.27 -20.94
C SER A 159 -16.54 -8.80 -19.82
N ARG A 162 -11.76 -2.46 -17.91
CA ARG A 162 -12.25 -1.95 -16.64
C ARG A 162 -12.02 -0.45 -16.55
N SER A 163 -13.08 0.23 -16.19
CA SER A 163 -13.19 1.67 -16.08
C SER A 163 -12.30 2.34 -15.07
N LEU A 164 -11.74 3.46 -15.46
CA LEU A 164 -10.76 4.13 -14.61
C LEU A 164 -11.39 4.78 -13.37
N ILE A 165 -10.81 4.50 -12.21
CA ILE A 165 -11.16 5.22 -10.98
C ILE A 165 -10.48 6.58 -10.99
N ASN A 166 -11.21 7.63 -10.60
CA ASN A 166 -10.59 8.95 -10.44
C ASN A 166 -11.14 9.61 -9.18
N LYS A 167 -10.34 9.62 -8.12
CA LYS A 167 -10.80 10.10 -6.82
C LYS A 167 -9.76 10.99 -6.19
N ASN A 168 -10.21 11.91 -5.34
CA ASN A 168 -9.31 12.83 -4.66
C ASN A 168 -8.76 12.30 -3.34
N ILE A 169 -7.54 12.73 -3.02
CA ILE A 169 -7.01 12.55 -1.66
C ILE A 169 -7.97 13.21 -0.65
N PRO A 170 -8.44 12.44 0.36
CA PRO A 170 -9.46 12.98 1.25
C PRO A 170 -8.92 13.84 2.39
N ASN A 171 -7.67 13.57 2.78
CA ASN A 171 -7.06 14.19 3.95
C ASN A 171 -5.64 13.61 4.11
N PHE A 172 -4.88 14.15 5.06
CA PHE A 172 -3.50 13.71 5.24
C PHE A 172 -3.38 12.39 6.01
N LYS A 173 -4.44 11.98 6.68
CA LYS A 173 -4.42 10.66 7.35
C LYS A 173 -4.29 9.55 6.29
N TRP A 174 -5.12 9.67 5.24
CA TRP A 174 -5.03 8.75 4.10
C TRP A 174 -3.58 8.75 3.60
N LEU A 175 -2.99 9.94 3.46
CA LEU A 175 -1.66 10.01 2.89
C LEU A 175 -0.64 9.32 3.78
N ALA A 176 -0.80 9.44 5.10
CA ALA A 176 0.11 8.73 6.02
C ALA A 176 0.03 7.22 5.80
N GLY A 177 -1.20 6.71 5.65
CA GLY A 177 -1.38 5.29 5.36
C GLY A 177 -0.73 4.85 4.05
N PHE A 178 -1.03 5.58 2.98
CA PHE A 178 -0.50 5.23 1.66
C PHE A 178 1.03 5.32 1.63
N THR A 179 1.58 6.36 2.23
CA THR A 179 3.03 6.58 2.27
C THR A 179 3.70 5.48 3.08
N SER A 180 3.02 4.96 4.09
CA SER A 180 3.57 3.82 4.82
C SER A 180 3.84 2.59 3.93
N GLY A 181 3.13 2.47 2.80
CA GLY A 181 3.42 1.40 1.85
C GLY A 181 4.25 1.82 0.64
N GLU A 182 3.99 3.02 0.11
CA GLU A 182 4.54 3.36 -1.21
C GLU A 182 5.58 4.48 -1.15
N GLY A 183 5.83 5.00 0.05
CA GLY A 183 6.74 6.11 0.26
C GLY A 183 8.16 5.70 0.61
N CYS A 184 9.08 6.62 0.43
CA CYS A 184 10.49 6.40 0.75
C CYS A 184 11.11 7.69 1.26
N PHE A 185 11.76 7.58 2.43
CA PHE A 185 12.51 8.67 3.03
C PHE A 185 13.99 8.38 2.86
N PHE A 186 14.65 9.16 2.01
CA PHE A 186 15.99 8.80 1.55
C PHE A 186 17.00 9.91 1.79
N VAL A 187 18.19 9.50 2.23
CA VAL A 187 19.34 10.42 2.33
C VAL A 187 20.30 10.15 1.17
N ASN A 188 20.35 11.07 0.21
CA ASN A 188 21.20 10.90 -0.97
C ASN A 188 22.57 11.54 -0.78
N LEU A 189 23.63 10.76 -1.04
CA LEU A 189 24.98 11.28 -0.94
C LEU A 189 25.59 11.46 -2.33
N ILE A 190 25.50 12.71 -2.76
CA ILE A 190 26.02 13.22 -4.07
C ILE A 190 27.54 13.34 -3.94
N LYS A 191 28.24 12.51 -4.69
CA LYS A 191 29.69 12.40 -4.71
C LYS A 191 30.28 13.22 -5.82
N SER A 192 31.30 14.01 -5.49
CA SER A 192 31.98 14.88 -6.49
C SER A 192 33.48 14.95 -6.18
N LYS A 193 34.09 16.00 -6.71
CA LYS A 193 35.54 16.27 -6.57
C LYS A 193 35.71 17.50 -5.69
N SER A 194 34.70 17.83 -4.91
CA SER A 194 34.80 18.96 -3.94
C SER A 194 35.70 18.54 -2.77
N LYS A 195 36.25 19.48 -2.02
CA LYS A 195 37.09 19.12 -0.85
C LYS A 195 36.22 18.33 0.13
N LEU A 196 34.98 18.78 0.30
CA LEU A 196 34.02 18.06 1.19
C LEU A 196 33.78 16.69 0.54
N GLY A 197 33.60 16.68 -0.78
CA GLY A 197 33.44 15.40 -1.52
C GLY A 197 32.02 14.90 -1.62
N VAL A 198 31.07 15.57 -0.99
CA VAL A 198 29.70 15.02 -1.04
C VAL A 198 28.68 16.09 -0.71
N GLN A 199 27.63 16.10 -1.49
CA GLN A 199 26.46 16.93 -1.26
C GLN A 199 25.37 16.06 -0.63
N VAL A 200 24.85 16.48 0.51
CA VAL A 200 23.77 15.74 1.15
C VAL A 200 22.44 16.27 0.63
N GLN A 201 21.61 15.36 0.11
CA GLN A 201 20.31 15.73 -0.43
C GLN A 201 19.21 14.84 0.15
N LEU A 202 18.26 15.41 0.89
CA LEU A 202 17.11 14.63 1.34
C LEU A 202 16.13 14.48 0.19
N VAL A 203 15.60 13.27 0.05
CA VAL A 203 14.63 13.00 -0.99
C VAL A 203 13.40 12.33 -0.36
N PHE A 204 12.23 12.84 -0.69
CA PHE A 204 10.98 12.13 -0.39
C PHE A 204 10.39 11.60 -1.69
N SER A 205 9.96 10.34 -1.73
CA SER A 205 9.33 9.87 -2.96
C SER A 205 8.17 8.93 -2.68
N ILE A 206 7.13 9.01 -3.51
CA ILE A 206 6.02 8.04 -3.47
C ILE A 206 5.92 7.46 -4.87
N THR A 207 5.91 6.14 -4.96
CA THR A 207 5.94 5.49 -6.27
C THR A 207 4.72 4.61 -6.51
N GLN A 208 4.18 4.68 -7.73
CA GLN A 208 2.89 4.04 -8.01
C GLN A 208 2.67 3.82 -9.52
N HIS A 209 2.03 2.71 -9.87
CA HIS A 209 1.62 2.37 -11.24
C HIS A 209 1.06 3.57 -12.03
N ILE A 210 1.50 3.73 -13.28
CA ILE A 210 1.12 4.90 -14.09
C ILE A 210 -0.40 5.06 -14.34
N LYS A 211 -1.18 3.98 -14.16
CA LYS A 211 -2.64 4.08 -14.29
C LYS A 211 -3.22 5.10 -13.30
N ASP A 212 -2.53 5.34 -12.19
CA ASP A 212 -2.99 6.32 -11.21
C ASP A 212 -2.31 7.68 -11.36
N LYS A 213 -1.97 8.00 -12.61
CA LYS A 213 -1.44 9.32 -12.96
C LYS A 213 -2.20 10.50 -12.30
N ASN A 214 -3.53 10.50 -12.36
CA ASN A 214 -4.29 11.62 -11.83
C ASN A 214 -3.95 11.81 -10.35
N LEU A 215 -3.99 10.70 -9.62
CA LEU A 215 -3.77 10.78 -8.18
C LEU A 215 -2.37 11.28 -7.93
N MET A 216 -1.43 10.80 -8.74
CA MET A 216 -0.04 11.12 -8.48
C MET A 216 0.17 12.59 -8.79
N ASN A 217 -0.48 13.07 -9.86
CA ASN A 217 -0.29 14.47 -10.21
C ASN A 217 -0.83 15.33 -9.08
N SER A 218 -1.89 14.83 -8.43
CA SER A 218 -2.59 15.66 -7.47
C SER A 218 -1.73 15.82 -6.22
N LEU A 219 -0.73 14.94 -6.04
CA LEU A 219 0.13 15.11 -4.86
C LEU A 219 0.79 16.48 -4.91
N ILE A 220 1.13 16.95 -6.12
CA ILE A 220 1.82 18.21 -6.24
C ILE A 220 0.95 19.33 -5.68
N THR A 221 -0.35 19.28 -5.96
CA THR A 221 -1.19 20.37 -5.48
C THR A 221 -1.57 20.11 -4.02
N TYR A 222 -1.63 18.83 -3.61
CA TYR A 222 -2.17 18.58 -2.28
C TYR A 222 -1.11 18.94 -1.23
N LEU A 223 0.14 18.60 -1.54
CA LEU A 223 1.27 18.89 -0.66
C LEU A 223 1.91 20.25 -0.92
N GLY A 224 1.57 20.87 -2.04
CA GLY A 224 2.14 22.16 -2.41
C GLY A 224 3.61 22.17 -2.77
N CYS A 225 4.11 21.06 -3.30
CA CYS A 225 5.52 20.95 -3.68
C CYS A 225 5.71 19.70 -4.52
N GLY A 226 6.92 19.53 -5.05
CA GLY A 226 7.35 18.29 -5.70
C GLY A 226 7.08 18.26 -7.18
N TYR A 227 7.43 17.12 -7.75
CA TYR A 227 7.37 16.92 -9.19
C TYR A 227 7.29 15.43 -9.49
N ILE A 228 6.98 15.10 -10.74
CA ILE A 228 6.79 13.71 -11.15
C ILE A 228 7.96 13.24 -12.01
N LYS A 229 8.49 12.04 -11.71
CA LYS A 229 9.44 11.33 -12.58
C LYS A 229 8.67 10.17 -13.20
N GLU A 230 8.76 10.02 -14.52
CA GLU A 230 8.00 9.00 -15.24
C GLU A 230 8.93 7.89 -15.71
N TYR A 231 8.52 6.65 -15.46
CA TYR A 231 9.29 5.46 -15.84
C TYR A 231 8.48 4.64 -16.81
N ASN A 232 9.03 4.45 -18.02
CA ASN A 232 8.32 3.67 -19.06
C ASN A 232 9.21 2.52 -19.52
N LYS A 233 9.12 1.40 -18.80
CA LYS A 233 10.11 0.31 -18.94
C LYS A 233 9.45 -1.00 -19.38
N SER A 234 10.32 -1.86 -19.87
CA SER A 234 9.95 -3.22 -20.34
C SER A 234 9.33 -4.01 -19.19
N GLU A 235 9.59 -3.72 -17.92
CA GLU A 235 8.88 -4.61 -16.99
C GLU A 235 7.75 -3.94 -16.23
N PHE A 236 7.65 -2.68 -16.36
CA PHE A 236 6.66 -1.92 -15.59
C PHE A 236 6.71 -0.45 -15.99
N SER A 237 5.57 0.23 -15.87
CA SER A 237 5.53 1.68 -16.04
C SER A 237 4.89 2.34 -14.83
N TRP A 238 5.58 3.34 -14.29
CA TRP A 238 5.13 3.94 -13.03
C TRP A 238 5.59 5.37 -12.90
N LEU A 239 5.07 6.03 -11.88
CA LEU A 239 5.43 7.41 -11.59
C LEU A 239 6.03 7.51 -10.18
N ALA A 240 7.01 8.38 -10.04
CA ALA A 240 7.46 8.80 -8.72
C ALA A 240 7.10 10.25 -8.49
N PHE A 241 6.32 10.51 -7.45
CA PHE A 241 6.20 11.86 -6.90
C PHE A 241 7.43 12.08 -6.03
N VAL A 242 8.17 13.14 -6.29
CA VAL A 242 9.47 13.38 -5.67
C VAL A 242 9.54 14.79 -5.11
N VAL A 243 10.09 14.94 -3.90
CA VAL A 243 10.44 16.25 -3.38
C VAL A 243 11.94 16.26 -3.05
N THR A 244 12.67 17.21 -3.66
CA THR A 244 14.10 17.38 -3.35
C THR A 244 14.48 18.80 -2.85
N LYS A 245 13.55 19.75 -2.88
CA LYS A 245 13.84 21.10 -2.37
C LYS A 245 13.82 21.07 -0.84
N PHE A 246 14.93 21.39 -0.21
CA PHE A 246 15.02 21.23 1.24
C PHE A 246 13.96 22.03 1.99
N SER A 247 13.69 23.28 1.61
CA SER A 247 12.69 24.05 2.36
C SER A 247 11.30 23.40 2.27
N ASP A 248 11.03 22.65 1.20
CA ASP A 248 9.74 21.96 1.09
C ASP A 248 9.70 20.70 1.94
N ILE A 249 10.81 20.03 2.01
CA ILE A 249 10.90 18.90 2.89
C ILE A 249 10.77 19.34 4.34
N ASN A 250 11.46 20.41 4.70
CA ASN A 250 11.52 20.83 6.09
C ASN A 250 10.23 21.51 6.53
N ASP A 251 9.64 22.31 5.65
CA ASP A 251 8.48 23.12 6.04
C ASP A 251 7.12 22.52 5.65
N LYS A 252 7.11 21.54 4.75
CA LYS A 252 5.84 20.96 4.32
C LYS A 252 5.76 19.46 4.58
N ILE A 253 6.70 18.69 4.04
CA ILE A 253 6.62 17.22 4.17
C ILE A 253 6.75 16.75 5.64
N ILE A 254 7.78 17.26 6.31
CA ILE A 254 8.05 16.82 7.67
C ILE A 254 6.85 17.16 8.60
N PRO A 255 6.32 18.41 8.56
CA PRO A 255 5.11 18.68 9.38
C PRO A 255 3.92 17.74 9.10
N VAL A 256 3.73 17.39 7.83
CA VAL A 256 2.65 16.49 7.49
C VAL A 256 2.84 15.19 8.23
N PHE A 257 4.04 14.61 8.18
CA PHE A 257 4.08 13.30 8.86
C PHE A 257 4.32 13.38 10.38
N GLN A 258 4.68 14.56 10.86
CA GLN A 258 4.69 14.80 12.30
C GLN A 258 3.28 14.82 12.85
N GLU A 259 2.31 15.25 12.04
CA GLU A 259 0.91 15.23 12.53
C GLU A 259 0.05 14.07 12.03
N ASN A 260 0.55 13.28 11.09
CA ASN A 260 -0.17 12.18 10.52
C ASN A 260 0.78 10.98 10.52
N THR A 261 0.56 10.11 11.50
CA THR A 261 1.58 9.15 11.90
C THR A 261 1.74 7.95 10.97
N LEU A 262 2.96 7.79 10.45
CA LEU A 262 3.30 6.61 9.65
C LEU A 262 3.22 5.34 10.49
N ILE A 263 2.97 4.21 9.84
CA ILE A 263 2.97 2.92 10.53
C ILE A 263 4.08 2.02 10.00
N GLY A 264 4.54 1.11 10.86
CA GLY A 264 5.62 0.22 10.52
C GLY A 264 6.99 0.80 10.80
N VAL A 265 8.01 0.01 10.51
CA VAL A 265 9.39 0.41 10.65
C VAL A 265 9.74 1.67 9.84
N LYS A 266 8.98 1.96 8.78
CA LYS A 266 9.19 3.20 8.01
C LYS A 266 9.06 4.46 8.89
N LEU A 267 8.26 4.41 9.96
CA LEU A 267 8.21 5.52 10.92
C LEU A 267 9.64 5.84 11.45
N GLU A 268 10.38 4.78 11.80
CA GLU A 268 11.75 4.95 12.24
C GLU A 268 12.58 5.59 11.13
N ASP A 269 12.36 5.16 9.89
CA ASP A 269 13.13 5.73 8.78
C ASP A 269 12.82 7.23 8.70
N PHE A 270 11.53 7.57 8.84
CA PHE A 270 11.14 8.97 8.79
C PHE A 270 11.84 9.73 9.92
N GLU A 271 11.89 9.12 11.12
CA GLU A 271 12.42 9.87 12.24
C GLU A 271 13.92 10.10 12.00
N ASP A 272 14.58 9.12 11.39
CA ASP A 272 16.02 9.25 11.16
C ASP A 272 16.24 10.36 10.13
N TRP A 273 15.33 10.40 9.15
CA TRP A 273 15.39 11.37 8.09
C TRP A 273 15.28 12.76 8.73
N CYS A 274 14.43 12.87 9.75
CA CYS A 274 14.19 14.16 10.38
C CYS A 274 15.45 14.59 11.13
N LYS A 275 16.18 13.62 11.68
CA LYS A 275 17.43 13.97 12.34
C LYS A 275 18.34 14.65 11.33
N VAL A 276 18.40 14.09 10.13
CA VAL A 276 19.33 14.63 9.15
C VAL A 276 18.84 16.01 8.76
N ALA A 277 17.52 16.17 8.68
CA ALA A 277 16.97 17.46 8.29
C ALA A 277 17.46 18.51 9.28
N LYS A 278 17.47 18.15 10.57
CA LYS A 278 17.86 19.13 11.58
C LYS A 278 19.29 19.54 11.29
N LEU A 279 20.14 18.55 11.02
CA LEU A 279 21.55 18.82 10.78
C LEU A 279 21.69 19.70 9.55
N ILE A 280 20.81 19.53 8.56
CA ILE A 280 20.96 20.30 7.33
C ILE A 280 20.49 21.72 7.60
N GLU A 281 19.49 21.86 8.40
CA GLU A 281 18.96 23.19 8.72
C GLU A 281 20.05 23.97 9.48
N GLU A 282 20.87 23.31 10.27
CA GLU A 282 21.93 24.00 11.07
C GLU A 282 23.20 24.14 10.22
N LYS A 283 23.16 23.68 8.97
CA LYS A 283 24.31 23.75 8.07
C LYS A 283 25.46 22.85 8.50
N LYS A 284 25.18 21.88 9.36
CA LYS A 284 26.23 20.98 9.85
C LYS A 284 26.61 19.94 8.80
N HIS A 285 25.84 19.86 7.73
CA HIS A 285 26.17 18.94 6.65
C HIS A 285 27.34 19.48 5.83
N LEU A 286 27.68 20.75 6.07
CA LEU A 286 28.80 21.38 5.39
C LEU A 286 30.10 21.26 6.19
N THR A 287 30.09 20.39 7.19
CA THR A 287 31.27 20.13 8.02
C THR A 287 31.56 18.64 8.07
N GLU A 288 32.83 18.28 8.26
CA GLU A 288 33.24 16.88 8.27
C GLU A 288 32.56 16.07 9.37
N SER A 289 32.41 16.68 10.54
CA SER A 289 31.78 16.05 11.70
C SER A 289 30.32 15.68 11.45
N GLY A 290 29.54 16.70 11.10
CA GLY A 290 28.12 16.54 10.83
C GLY A 290 27.91 15.59 9.67
N LEU A 291 28.79 15.69 8.67
CA LEU A 291 28.76 14.76 7.55
C LEU A 291 28.92 13.33 8.03
N ASP A 292 29.91 13.09 8.90
CA ASP A 292 30.12 11.76 9.44
C ASP A 292 28.87 11.25 10.16
N GLU A 293 28.26 12.12 10.97
CA GLU A 293 27.04 11.75 11.66
C GLU A 293 25.93 11.36 10.68
N ILE A 294 25.73 12.19 9.65
CA ILE A 294 24.73 11.91 8.64
C ILE A 294 24.97 10.57 7.95
N LYS A 295 26.22 10.32 7.55
CA LYS A 295 26.56 9.02 6.96
C LYS A 295 26.22 7.87 7.90
N LYS A 296 26.45 8.10 9.20
CA LYS A 296 26.12 7.11 10.23
C LYS A 296 24.61 6.82 10.29
N ILE A 297 23.81 7.88 10.29
CA ILE A 297 22.36 7.71 10.33
C ILE A 297 21.84 7.02 9.05
N LYS A 298 22.36 7.42 7.90
CA LYS A 298 21.99 6.84 6.61
C LYS A 298 22.29 5.35 6.56
N LEU A 299 23.49 4.98 7.00
CA LEU A 299 23.94 3.60 7.02
C LEU A 299 22.93 2.65 7.64
N ASN A 300 22.20 3.14 8.64
CA ASN A 300 21.32 2.27 9.40
C ASN A 300 19.82 2.47 9.14
N MET A 301 19.46 3.22 8.10
CA MET A 301 18.05 3.32 7.76
C MET A 301 17.72 2.49 6.49
N ASN A 302 16.43 2.35 6.24
CA ASN A 302 15.93 1.58 5.09
C ASN A 302 16.53 0.19 5.03
N LYS A 303 17.24 -0.14 3.95
CA LYS A 303 17.76 -1.50 3.80
C LYS A 303 18.86 -1.81 4.81
N GLY A 304 19.42 -0.78 5.42
CA GLY A 304 20.49 -0.95 6.39
C GLY A 304 20.02 -1.18 7.82
N ARG A 305 18.75 -1.01 8.08
CA ARG A 305 18.23 -1.18 9.42
C ARG A 305 18.31 -2.62 9.92
N VAL A 306 18.68 -2.75 11.18
CA VAL A 306 18.78 -4.05 11.79
C VAL A 306 17.58 -4.30 12.69
N PHE A 307 17.03 -5.51 12.61
CA PHE A 307 15.86 -5.88 13.44
C PHE A 307 16.21 -7.08 14.32
#